data_7H65
#
_entry.id   7H65
#
_cell.length_a   75.440
_cell.length_b   75.440
_cell.length_c   49.470
_cell.angle_alpha   90.00
_cell.angle_beta   90.00
_cell.angle_gamma   90.00
#
_symmetry.space_group_name_H-M   'P 43'
#
loop_
_entity.id
_entity.type
_entity.pdbx_description
1 polymer Chymase
2 non-polymer 'ZINC ION'
3 non-polymer N-(1-{2-[(S)-[(3S)-2-hydroxy-3-methyl-3-(4-methylphenyl)-4-oxocyclobut-1-en-1-yl](phenyl)methyl]-6-methyl-1H-indol-3-yl}-2-methylpropan-2-yl)acetamide
4 non-polymer 'DIMETHYL SULFOXIDE'
5 water water
#
_entity_poly.entity_id   1
_entity_poly.type   'polypeptide(L)'
_entity_poly.pdbx_seq_one_letter_code
;IIGGTESKPHSRPYMAYLEIVTSNGPSKFCGGFLIRRNFVLTAAHCAGRSITVTLGAHNITEEEDTWQKLEVIKQFRHPK
YNTSTLHHDIMLLKLKEKASLTLAVGTLPFPSQKNFVPPGRMCRVAGWGRTGVLKPGSDTLQEVKLRLMDPQACSHFRDF
DHNLQLCVGNPRKTKSAFKGDSGGPLLCAGVAQGIVSYGRSDAKPPAVFTRISHYRPWINQILQAN
;
_entity_poly.pdbx_strand_id   A
#
# COMPACT_ATOMS: atom_id res chain seq x y z
N ILE A 1 -2.14 -4.33 10.10
CA ILE A 1 -2.92 -3.25 10.76
C ILE A 1 -3.05 -3.55 12.26
N ILE A 2 -2.62 -2.60 13.10
CA ILE A 2 -2.72 -2.73 14.55
C ILE A 2 -3.91 -1.91 15.04
N GLY A 3 -4.78 -2.53 15.86
CA GLY A 3 -5.87 -1.82 16.51
C GLY A 3 -7.03 -1.45 15.59
N GLY A 4 -7.25 -2.24 14.52
CA GLY A 4 -8.31 -1.96 13.54
C GLY A 4 -9.48 -2.91 13.67
N THR A 5 -10.35 -2.93 12.63
CA THR A 5 -11.51 -3.82 12.54
C THR A 5 -11.46 -4.60 11.23
N GLU A 6 -12.19 -5.73 11.18
CA GLU A 6 -12.34 -6.51 9.96
C GLU A 6 -13.16 -5.71 8.94
N SER A 7 -12.62 -5.55 7.72
CA SER A 7 -13.35 -4.89 6.64
C SER A 7 -14.60 -5.68 6.28
N LYS A 8 -15.66 -4.98 5.86
CA LYS A 8 -16.80 -5.61 5.19
C LYS A 8 -16.29 -6.31 3.93
N PRO A 9 -16.53 -7.63 3.76
CA PRO A 9 -16.01 -8.35 2.59
C PRO A 9 -16.30 -7.69 1.24
N HIS A 10 -15.23 -7.46 0.45
CA HIS A 10 -15.31 -6.96 -0.92
C HIS A 10 -15.73 -5.48 -0.99
N SER A 11 -15.68 -4.75 0.14
CA SER A 11 -16.06 -3.35 0.22
C SER A 11 -14.99 -2.39 -0.31
N ARG A 12 -13.77 -2.89 -0.54
CA ARG A 12 -12.69 -2.10 -1.12
C ARG A 12 -12.14 -2.83 -2.35
N PRO A 13 -12.87 -2.83 -3.48
CA PRO A 13 -12.56 -3.75 -4.60
C PRO A 13 -11.30 -3.45 -5.43
N TYR A 14 -10.63 -2.33 -5.13
CA TYR A 14 -9.35 -1.96 -5.73
C TYR A 14 -8.17 -2.61 -5.01
N MET A 15 -8.37 -3.28 -3.86
CA MET A 15 -7.24 -3.74 -3.05
C MET A 15 -6.54 -4.94 -3.68
N ALA A 16 -5.20 -4.95 -3.62
CA ALA A 16 -4.38 -6.03 -4.16
C ALA A 16 -3.48 -6.63 -3.09
N TYR A 17 -3.38 -7.97 -3.10
CA TYR A 17 -2.48 -8.74 -2.24
C TYR A 17 -1.30 -9.25 -3.08
N LEU A 18 -0.07 -8.87 -2.68
CA LEU A 18 1.16 -9.12 -3.44
C LEU A 18 2.02 -10.16 -2.71
N GLU A 19 2.39 -11.23 -3.44
CA GLU A 19 3.35 -12.23 -2.96
C GLU A 19 4.63 -12.10 -3.81
N ILE A 20 5.76 -11.82 -3.14
CA ILE A 20 6.97 -11.40 -3.83
C ILE A 20 8.09 -12.43 -3.59
N VAL A 21 8.73 -12.86 -4.69
CA VAL A 21 9.80 -13.85 -4.65
C VAL A 21 11.16 -13.15 -4.68
N THR A 22 12.01 -13.49 -3.70
CA THR A 22 13.43 -13.14 -3.68
C THR A 22 14.25 -14.39 -4.00
N SER A 23 15.52 -14.19 -4.41
CA SER A 23 16.35 -15.28 -4.91
C SER A 23 16.78 -16.26 -3.82
N ASN A 24 17.11 -15.74 -2.62
CA ASN A 24 17.72 -16.54 -1.57
C ASN A 24 16.89 -16.51 -0.27
N GLY A 25 15.56 -16.45 -0.39
CA GLY A 25 14.70 -16.54 0.77
C GLY A 25 13.27 -16.94 0.39
N PRO A 26 12.39 -17.26 1.36
CA PRO A 26 10.99 -17.56 1.07
C PRO A 26 10.21 -16.28 0.71
N SER A 27 8.95 -16.47 0.29
CA SER A 27 8.04 -15.39 -0.08
C SER A 27 7.93 -14.32 1.02
N LYS A 28 7.82 -13.04 0.58
CA LYS A 28 7.43 -11.91 1.42
C LYS A 28 6.16 -11.26 0.84
N PHE A 29 5.50 -10.37 1.62
CA PHE A 29 4.16 -9.88 1.27
C PHE A 29 4.02 -8.36 1.42
N CYS A 30 3.21 -7.75 0.55
CA CYS A 30 2.84 -6.34 0.60
C CYS A 30 1.39 -6.15 0.11
N GLY A 31 0.87 -4.93 0.28
CA GLY A 31 -0.37 -4.50 -0.34
C GLY A 31 -0.13 -3.67 -1.60
N GLY A 32 -1.22 -3.29 -2.26
CA GLY A 32 -1.24 -2.43 -3.45
C GLY A 32 -2.67 -2.07 -3.85
N PHE A 33 -2.87 -1.30 -4.94
CA PHE A 33 -4.21 -0.96 -5.40
C PHE A 33 -4.26 -0.77 -6.92
N LEU A 34 -5.37 -1.22 -7.53
CA LEU A 34 -5.57 -1.21 -8.98
C LEU A 34 -6.00 0.17 -9.44
N ILE A 35 -5.21 0.82 -10.33
CA ILE A 35 -5.54 2.17 -10.79
C ILE A 35 -5.98 2.17 -12.26
N ARG A 36 -5.63 1.11 -13.00
CA ARG A 36 -6.16 0.83 -14.33
C ARG A 36 -6.32 -0.68 -14.44
N ARG A 37 -7.07 -1.17 -15.43
CA ARG A 37 -7.37 -2.60 -15.51
C ARG A 37 -6.08 -3.43 -15.61
N ASN A 38 -4.97 -2.84 -16.09
CA ASN A 38 -3.70 -3.55 -16.16
C ASN A 38 -2.56 -2.86 -15.41
N PHE A 39 -2.85 -2.02 -14.39
CA PHE A 39 -1.80 -1.40 -13.59
C PHE A 39 -2.15 -1.34 -12.09
N VAL A 40 -1.14 -1.70 -11.27
CA VAL A 40 -1.21 -1.66 -9.81
C VAL A 40 -0.09 -0.76 -9.25
N LEU A 41 -0.47 0.14 -8.33
CA LEU A 41 0.46 1.00 -7.60
C LEU A 41 0.79 0.37 -6.25
N THR A 42 2.08 0.46 -5.85
CA THR A 42 2.59 -0.09 -4.59
C THR A 42 3.91 0.62 -4.22
N ALA A 43 4.67 0.06 -3.27
CA ALA A 43 5.93 0.65 -2.82
C ALA A 43 7.14 0.04 -3.53
N ALA A 44 8.17 0.86 -3.80
CA ALA A 44 9.39 0.42 -4.48
C ALA A 44 10.14 -0.66 -3.71
N HIS A 45 10.08 -0.65 -2.37
CA HIS A 45 10.83 -1.61 -1.57
C HIS A 45 10.18 -3.00 -1.63
N CYS A 46 9.00 -3.12 -2.26
CA CYS A 46 8.34 -4.40 -2.45
C CYS A 46 8.76 -5.09 -3.76
N ALA A 47 9.77 -4.55 -4.48
CA ALA A 47 10.24 -5.15 -5.73
C ALA A 47 10.93 -6.48 -5.45
N GLY A 48 10.96 -7.37 -6.47
CA GLY A 48 11.64 -8.66 -6.37
C GLY A 48 11.91 -9.29 -7.75
N ARG A 49 12.31 -10.56 -7.74
CA ARG A 49 12.57 -11.30 -8.98
C ARG A 49 11.27 -11.57 -9.74
N SER A 50 10.19 -11.95 -9.03
CA SER A 50 8.88 -12.09 -9.64
C SER A 50 7.77 -11.82 -8.60
N ILE A 51 6.59 -11.41 -9.08
CA ILE A 51 5.46 -11.03 -8.23
C ILE A 51 4.15 -11.57 -8.82
N THR A 52 3.29 -12.08 -7.92
CA THR A 52 1.92 -12.48 -8.25
C THR A 52 0.93 -11.58 -7.52
N VAL A 53 -0.12 -11.13 -8.23
CA VAL A 53 -1.15 -10.24 -7.71
C VAL A 53 -2.46 -11.00 -7.58
N THR A 54 -3.08 -10.97 -6.38
CA THR A 54 -4.43 -11.53 -6.21
C THR A 54 -5.41 -10.38 -5.95
N LEU A 55 -6.38 -10.23 -6.87
CA LEU A 55 -7.51 -9.32 -6.71
C LEU A 55 -8.74 -10.09 -6.24
N GLY A 56 -9.69 -9.39 -5.61
CA GLY A 56 -10.99 -9.95 -5.24
C GLY A 56 -10.99 -10.73 -3.91
N ALA A 57 -9.97 -10.56 -3.06
CA ALA A 57 -9.84 -11.37 -1.87
C ALA A 57 -10.41 -10.67 -0.63
N HIS A 58 -10.84 -11.50 0.34
CA HIS A 58 -11.12 -11.07 1.71
C HIS A 58 -10.31 -11.92 2.68
N ASN A 59 -10.72 -13.19 2.88
CA ASN A 59 -9.94 -14.16 3.63
C ASN A 59 -8.99 -14.87 2.67
N ILE A 60 -7.69 -14.60 2.80
CA ILE A 60 -6.70 -15.00 1.83
C ILE A 60 -6.36 -16.49 1.94
N THR A 61 -6.95 -17.22 2.91
CA THR A 61 -6.69 -18.65 3.08
C THR A 61 -7.75 -19.49 2.39
N GLU A 62 -8.84 -18.89 1.89
CA GLU A 62 -9.96 -19.64 1.32
C GLU A 62 -10.26 -19.18 -0.12
N GLU A 63 -9.95 -20.06 -1.08
N GLU A 63 -9.94 -20.04 -1.10
CA GLU A 63 -10.17 -19.83 -2.50
CA GLU A 63 -10.12 -19.70 -2.50
C GLU A 63 -11.65 -19.59 -2.79
C GLU A 63 -11.62 -19.61 -2.82
N GLU A 64 -11.96 -18.65 -3.70
CA GLU A 64 -13.35 -18.36 -4.06
C GLU A 64 -13.45 -17.77 -5.47
N ASP A 65 -14.67 -17.77 -6.04
CA ASP A 65 -14.89 -17.37 -7.43
C ASP A 65 -14.51 -15.90 -7.66
N THR A 66 -14.57 -15.04 -6.63
CA THR A 66 -14.19 -13.63 -6.77
C THR A 66 -12.71 -13.47 -7.07
N TRP A 67 -11.86 -14.46 -6.70
CA TRP A 67 -10.41 -14.34 -6.89
C TRP A 67 -10.05 -14.19 -8.36
N GLN A 68 -9.13 -13.24 -8.63
CA GLN A 68 -8.38 -13.17 -9.88
C GLN A 68 -6.89 -13.18 -9.57
N LYS A 69 -6.22 -14.30 -9.90
CA LYS A 69 -4.77 -14.43 -9.70
C LYS A 69 -4.05 -14.04 -10.99
N LEU A 70 -3.32 -12.91 -10.98
CA LEU A 70 -2.86 -12.31 -12.21
C LEU A 70 -1.34 -12.20 -12.29
N GLU A 71 -0.81 -12.49 -13.49
CA GLU A 71 0.61 -12.42 -13.79
C GLU A 71 1.07 -10.98 -14.00
N VAL A 72 2.27 -10.64 -13.49
CA VAL A 72 2.92 -9.36 -13.71
C VAL A 72 3.93 -9.51 -14.85
N ILE A 73 3.87 -8.65 -15.88
CA ILE A 73 4.82 -8.70 -16.99
C ILE A 73 6.08 -7.88 -16.70
N LYS A 74 5.95 -6.71 -16.07
CA LYS A 74 7.10 -5.83 -15.83
C LYS A 74 6.89 -4.95 -14.60
N GLN A 75 8.00 -4.67 -13.88
CA GLN A 75 8.03 -3.79 -12.71
C GLN A 75 8.71 -2.46 -13.06
N PHE A 76 8.05 -1.33 -12.74
CA PHE A 76 8.55 0.02 -12.99
C PHE A 76 8.83 0.74 -11.67
N ARG A 77 10.03 0.51 -11.13
CA ARG A 77 10.47 1.15 -9.89
C ARG A 77 10.87 2.59 -10.19
N HIS A 78 10.57 3.52 -9.27
CA HIS A 78 10.90 4.91 -9.49
C HIS A 78 12.41 5.05 -9.69
N PRO A 79 12.89 5.77 -10.73
CA PRO A 79 14.32 5.83 -11.03
C PRO A 79 15.20 6.52 -9.98
N LYS A 80 14.59 7.27 -9.06
CA LYS A 80 15.33 7.99 -8.01
C LYS A 80 15.13 7.33 -6.64
N TYR A 81 14.57 6.12 -6.59
CA TYR A 81 14.40 5.41 -5.32
C TYR A 81 15.77 5.20 -4.67
N ASN A 82 15.87 5.51 -3.38
CA ASN A 82 17.10 5.44 -2.62
C ASN A 82 16.92 4.49 -1.44
N THR A 83 17.75 3.45 -1.37
CA THR A 83 17.59 2.40 -0.37
C THR A 83 18.10 2.84 1.00
N SER A 84 18.84 3.95 1.07
CA SER A 84 19.31 4.51 2.33
C SER A 84 18.26 5.43 2.97
N THR A 85 17.80 6.45 2.23
CA THR A 85 16.90 7.47 2.77
C THR A 85 15.44 7.04 2.66
N LEU A 86 15.14 6.12 1.73
CA LEU A 86 13.80 5.63 1.42
C LEU A 86 12.95 6.72 0.75
N HIS A 87 13.57 7.77 0.22
CA HIS A 87 12.87 8.73 -0.63
C HIS A 87 12.41 8.05 -1.93
N HIS A 88 11.24 8.46 -2.42
CA HIS A 88 10.68 8.03 -3.70
C HIS A 88 10.35 6.53 -3.65
N ASP A 89 9.68 6.09 -2.56
CA ASP A 89 9.32 4.69 -2.39
C ASP A 89 8.00 4.40 -3.11
N ILE A 90 8.04 4.35 -4.45
CA ILE A 90 6.85 4.14 -5.26
C ILE A 90 7.20 3.30 -6.50
N MET A 91 6.26 2.43 -6.93
CA MET A 91 6.43 1.51 -8.05
C MET A 91 5.09 1.19 -8.71
N LEU A 92 5.10 1.07 -10.06
CA LEU A 92 3.96 0.61 -10.85
C LEU A 92 4.20 -0.82 -11.37
N LEU A 93 3.19 -1.70 -11.25
CA LEU A 93 3.24 -3.05 -11.82
C LEU A 93 2.32 -3.14 -13.03
N LYS A 94 2.85 -3.56 -14.19
CA LYS A 94 2.03 -3.79 -15.38
C LYS A 94 1.62 -5.27 -15.44
N LEU A 95 0.30 -5.51 -15.55
CA LEU A 95 -0.27 -6.85 -15.58
C LEU A 95 -0.26 -7.39 -17.02
N LYS A 96 -0.02 -8.71 -17.16
N LYS A 96 -0.03 -8.71 -17.15
CA LYS A 96 0.07 -9.37 -18.46
CA LYS A 96 0.07 -9.37 -18.45
C LYS A 96 -1.23 -9.18 -19.24
C LYS A 96 -1.23 -9.18 -19.23
N GLU A 97 -2.36 -9.28 -18.55
CA GLU A 97 -3.67 -9.05 -19.15
C GLU A 97 -4.48 -8.05 -18.31
N LYS A 98 -5.59 -7.54 -18.89
CA LYS A 98 -6.48 -6.65 -18.17
C LYS A 98 -7.39 -7.46 -17.26
N ALA A 99 -7.58 -6.98 -16.02
CA ALA A 99 -8.47 -7.61 -15.05
C ALA A 99 -9.92 -7.56 -15.53
N SER A 100 -10.75 -8.51 -15.05
CA SER A 100 -12.18 -8.47 -15.29
C SER A 100 -12.82 -7.54 -14.28
N LEU A 101 -13.81 -6.75 -14.73
CA LEU A 101 -14.62 -5.92 -13.85
C LEU A 101 -15.78 -6.74 -13.28
N THR A 102 -15.86 -6.81 -11.94
CA THR A 102 -16.93 -7.50 -11.21
C THR A 102 -17.33 -6.63 -10.01
N LEU A 103 -18.33 -7.09 -9.24
CA LEU A 103 -18.69 -6.40 -8.00
C LEU A 103 -17.49 -6.32 -7.05
N ALA A 104 -16.65 -7.36 -7.05
CA ALA A 104 -15.55 -7.49 -6.09
C ALA A 104 -14.22 -6.91 -6.60
N VAL A 105 -14.14 -6.55 -7.90
CA VAL A 105 -12.89 -6.06 -8.49
C VAL A 105 -13.17 -4.85 -9.38
N GLY A 106 -12.51 -3.72 -9.07
CA GLY A 106 -12.60 -2.50 -9.87
C GLY A 106 -11.47 -1.51 -9.57
N THR A 107 -11.39 -0.42 -10.34
CA THR A 107 -10.29 0.54 -10.23
C THR A 107 -10.64 1.64 -9.24
N LEU A 108 -9.60 2.28 -8.69
CA LEU A 108 -9.72 3.50 -7.90
C LEU A 108 -9.18 4.67 -8.73
N PRO A 109 -10.04 5.53 -9.32
CA PRO A 109 -9.56 6.66 -10.13
C PRO A 109 -9.01 7.78 -9.26
N PHE A 110 -8.18 8.65 -9.86
CA PHE A 110 -7.67 9.81 -9.16
C PHE A 110 -8.65 10.96 -9.30
N PRO A 111 -8.69 11.90 -8.33
CA PRO A 111 -9.66 13.00 -8.35
C PRO A 111 -9.70 13.71 -9.70
N PRO A 119 -2.95 19.28 7.40
CA PRO A 119 -3.01 18.25 8.42
C PRO A 119 -4.08 18.58 9.45
N GLY A 120 -4.65 17.54 10.07
CA GLY A 120 -5.69 17.69 11.07
C GLY A 120 -6.80 16.64 10.94
N ARG A 121 -7.09 16.19 9.71
CA ARG A 121 -8.30 15.42 9.44
C ARG A 121 -8.03 13.91 9.52
N MET A 122 -9.10 13.12 9.42
CA MET A 122 -9.01 11.67 9.60
C MET A 122 -9.07 10.98 8.24
N CYS A 123 -8.28 9.92 8.10
CA CYS A 123 -8.16 9.14 6.87
C CYS A 123 -8.23 7.65 7.25
N ARG A 124 -8.34 6.75 6.27
CA ARG A 124 -8.44 5.31 6.54
C ARG A 124 -7.41 4.55 5.68
N VAL A 125 -6.83 3.48 6.25
CA VAL A 125 -5.90 2.61 5.55
C VAL A 125 -6.29 1.14 5.77
N ALA A 126 -5.98 0.27 4.79
CA ALA A 126 -6.36 -1.13 4.85
C ALA A 126 -5.20 -2.05 4.42
N GLY A 127 -5.20 -3.30 4.92
CA GLY A 127 -4.17 -4.27 4.57
C GLY A 127 -4.28 -5.60 5.32
N TRP A 128 -3.42 -6.56 4.91
CA TRP A 128 -3.39 -7.92 5.47
C TRP A 128 -2.16 -8.12 6.36
N GLY A 129 -1.50 -7.03 6.78
CA GLY A 129 -0.25 -7.12 7.52
C GLY A 129 -0.45 -7.54 8.98
N ARG A 130 0.67 -7.57 9.72
CA ARG A 130 0.73 -8.02 11.10
C ARG A 130 -0.17 -7.16 11.99
N THR A 131 -0.78 -7.79 13.01
CA THR A 131 -1.68 -7.12 13.93
C THR A 131 -0.98 -6.82 15.28
N GLY A 132 0.33 -7.04 15.35
CA GLY A 132 1.14 -6.69 16.51
C GLY A 132 2.61 -7.04 16.26
N VAL A 133 3.52 -6.55 17.12
CA VAL A 133 4.95 -6.73 16.88
C VAL A 133 5.27 -8.22 16.80
N LEU A 134 4.67 -9.03 17.69
CA LEU A 134 5.00 -10.44 17.75
C LEU A 134 3.84 -11.31 17.23
N LYS A 135 3.08 -10.80 16.25
CA LYS A 135 1.93 -11.51 15.73
C LYS A 135 2.03 -11.62 14.20
N PRO A 136 1.90 -12.84 13.64
CA PRO A 136 1.63 -12.96 12.20
C PRO A 136 0.65 -12.03 11.48
N GLY A 137 0.74 -12.05 10.15
CA GLY A 137 -0.19 -11.35 9.27
C GLY A 137 -1.61 -11.86 9.42
N SER A 138 -2.59 -10.99 9.09
CA SER A 138 -4.00 -11.28 9.23
C SER A 138 -4.50 -12.16 8.08
N ASP A 139 -5.37 -13.14 8.40
CA ASP A 139 -6.06 -13.92 7.39
C ASP A 139 -7.09 -13.06 6.64
N THR A 140 -7.73 -12.10 7.32
CA THR A 140 -8.77 -11.27 6.72
C THR A 140 -8.24 -9.84 6.49
N LEU A 141 -8.85 -9.13 5.52
CA LEU A 141 -8.55 -7.72 5.28
C LEU A 141 -9.02 -6.91 6.49
N GLN A 142 -8.11 -6.07 7.02
CA GLN A 142 -8.36 -5.21 8.17
C GLN A 142 -8.24 -3.74 7.74
N GLU A 143 -8.87 -2.83 8.51
CA GLU A 143 -8.75 -1.41 8.28
C GLU A 143 -8.82 -0.61 9.58
N VAL A 144 -8.37 0.67 9.52
CA VAL A 144 -8.26 1.52 10.70
C VAL A 144 -8.31 3.01 10.30
N LYS A 145 -8.90 3.83 11.18
CA LYS A 145 -9.00 5.27 10.99
C LYS A 145 -7.87 5.98 11.75
N LEU A 146 -7.15 6.88 11.07
CA LEU A 146 -5.93 7.48 11.61
C LEU A 146 -5.92 8.99 11.35
N ARG A 147 -5.22 9.75 12.21
CA ARG A 147 -5.14 11.20 12.12
C ARG A 147 -3.91 11.64 11.30
N LEU A 148 -4.15 12.52 10.32
N LEU A 148 -4.14 12.56 10.36
CA LEU A 148 -3.08 13.24 9.64
CA LEU A 148 -3.06 13.21 9.64
C LEU A 148 -2.42 14.20 10.63
C LEU A 148 -2.41 14.28 10.52
N MET A 149 -1.09 14.13 10.75
CA MET A 149 -0.36 14.93 11.72
C MET A 149 0.46 16.02 11.04
N ASP A 150 0.76 17.09 11.80
CA ASP A 150 1.71 18.10 11.33
C ASP A 150 3.10 17.46 11.20
N PRO A 151 3.95 17.94 10.27
CA PRO A 151 5.21 17.25 9.98
C PRO A 151 6.19 17.13 11.14
N GLN A 152 6.11 18.04 12.14
CA GLN A 152 7.02 18.00 13.28
C GLN A 152 6.85 16.71 14.10
N ALA A 153 5.68 16.06 13.98
CA ALA A 153 5.42 14.80 14.68
C ALA A 153 6.30 13.64 14.17
N CYS A 154 6.88 13.78 12.97
CA CYS A 154 7.73 12.75 12.37
C CYS A 154 9.22 13.19 12.32
N SER A 155 9.62 14.18 13.14
CA SER A 155 11.00 14.68 13.11
C SER A 155 12.02 13.59 13.43
N HIS A 156 11.68 12.63 14.30
CA HIS A 156 12.60 11.60 14.75
C HIS A 156 13.06 10.68 13.59
N PHE A 157 12.26 10.60 12.53
CA PHE A 157 12.68 10.01 11.28
C PHE A 157 13.53 11.04 10.52
N ARG A 158 14.86 10.90 10.60
CA ARG A 158 15.75 12.01 10.26
C ARG A 158 15.70 12.32 8.76
N ASP A 159 15.27 11.34 7.93
CA ASP A 159 15.19 11.52 6.49
C ASP A 159 13.76 11.79 5.99
N PHE A 160 12.82 12.04 6.91
CA PHE A 160 11.46 12.47 6.55
C PHE A 160 11.51 13.84 5.87
N ASP A 161 10.70 14.04 4.82
N ASP A 161 10.63 14.06 4.88
CA ASP A 161 10.55 15.34 4.19
CA ASP A 161 10.55 15.31 4.13
C ASP A 161 9.08 15.63 3.89
C ASP A 161 9.09 15.65 3.82
N HIS A 162 8.63 16.80 4.34
CA HIS A 162 7.23 17.23 4.26
C HIS A 162 6.74 17.36 2.81
N ASN A 163 7.65 17.63 1.88
N ASN A 163 7.66 17.67 1.89
CA ASN A 163 7.30 17.82 0.47
CA ASN A 163 7.35 17.80 0.47
C ASN A 163 6.99 16.47 -0.18
C ASN A 163 6.94 16.45 -0.13
N LEU A 164 7.64 15.39 0.27
CA LEU A 164 7.54 14.09 -0.37
C LEU A 164 6.62 13.11 0.37
N GLN A 165 6.32 13.37 1.66
CA GLN A 165 5.73 12.36 2.53
C GLN A 165 4.68 12.96 3.47
N LEU A 166 3.78 12.09 3.96
CA LEU A 166 2.79 12.43 4.99
C LEU A 166 3.15 11.71 6.29
N CYS A 167 2.73 12.32 7.42
CA CYS A 167 2.95 11.83 8.77
C CYS A 167 1.61 11.41 9.35
N VAL A 168 1.41 10.09 9.56
CA VAL A 168 0.09 9.54 9.83
C VAL A 168 0.07 8.71 11.13
N GLY A 169 -0.83 9.09 12.05
CA GLY A 169 -1.12 8.33 13.27
C GLY A 169 -0.77 9.11 14.55
N ASN A 170 -1.79 9.40 15.36
CA ASN A 170 -1.65 10.06 16.66
C ASN A 170 -0.76 9.23 17.59
N PRO A 171 0.34 9.78 18.13
CA PRO A 171 1.23 9.01 19.00
C PRO A 171 0.61 8.56 20.32
N ARG A 172 -0.55 9.13 20.71
CA ARG A 172 -1.26 8.77 21.94
C ARG A 172 -2.12 7.50 21.78
N LYS A 173 -2.23 6.94 20.56
CA LYS A 173 -3.03 5.74 20.32
C LYS A 173 -2.13 4.61 19.82
N THR A 174 -2.63 3.36 19.83
CA THR A 174 -1.88 2.22 19.33
C THR A 174 -2.13 2.00 17.83
N LYS A 175 -3.25 2.52 17.33
CA LYS A 175 -3.68 2.33 15.96
C LYS A 175 -2.55 2.70 14.98
N SER A 176 -2.28 1.82 14.01
CA SER A 176 -1.20 2.06 13.04
C SER A 176 -1.19 1.01 11.93
N ALA A 177 -0.65 1.38 10.77
CA ALA A 177 -0.12 0.42 9.81
C ALA A 177 1.17 -0.21 10.33
N PHE A 178 1.50 -1.42 9.85
CA PHE A 178 2.76 -2.08 10.20
C PHE A 178 3.25 -2.99 9.05
N LYS A 179 4.28 -3.79 9.33
CA LYS A 179 4.89 -4.69 8.37
C LYS A 179 3.83 -5.58 7.71
N GLY A 180 3.94 -5.72 6.38
CA GLY A 180 2.95 -6.44 5.58
C GLY A 180 1.95 -5.50 4.90
N ASP A 181 1.86 -4.25 5.38
CA ASP A 181 0.88 -3.28 4.91
C ASP A 181 1.47 -2.32 3.88
N SER A 182 2.80 -2.30 3.71
CA SER A 182 3.46 -1.41 2.75
C SER A 182 2.85 -1.56 1.35
N GLY A 183 2.64 -0.42 0.66
CA GLY A 183 2.09 -0.38 -0.69
C GLY A 183 0.58 -0.11 -0.73
N GLY A 184 -0.10 -0.24 0.42
CA GLY A 184 -1.54 0.00 0.48
C GLY A 184 -1.87 1.49 0.42
N PRO A 185 -3.13 1.84 0.03
CA PRO A 185 -3.58 3.23 -0.05
C PRO A 185 -4.09 3.83 1.26
N LEU A 186 -3.87 5.14 1.42
CA LEU A 186 -4.49 5.97 2.44
C LEU A 186 -5.58 6.81 1.76
N LEU A 187 -6.82 6.67 2.21
CA LEU A 187 -7.96 7.39 1.64
C LEU A 187 -8.45 8.46 2.62
N CYS A 188 -8.55 9.71 2.14
CA CYS A 188 -9.09 10.82 2.91
C CYS A 188 -10.35 11.34 2.21
N ALA A 189 -11.51 11.16 2.85
CA ALA A 189 -12.81 11.46 2.26
C ALA A 189 -12.96 10.80 0.88
N GLY A 190 -12.56 9.53 0.79
CA GLY A 190 -12.83 8.72 -0.38
C GLY A 190 -11.79 8.86 -1.50
N VAL A 191 -10.77 9.71 -1.27
CA VAL A 191 -9.80 10.06 -2.29
C VAL A 191 -8.41 9.58 -1.85
N ALA A 192 -7.68 8.92 -2.76
CA ALA A 192 -6.35 8.39 -2.45
C ALA A 192 -5.34 9.53 -2.33
N GLN A 193 -4.69 9.65 -1.15
CA GLN A 193 -3.72 10.71 -0.91
C GLN A 193 -2.32 10.17 -0.60
N GLY A 194 -2.19 8.90 -0.16
CA GLY A 194 -0.90 8.37 0.26
C GLY A 194 -0.74 6.87 0.02
N ILE A 195 0.49 6.39 0.20
CA ILE A 195 0.88 4.98 0.11
C ILE A 195 1.70 4.64 1.35
N VAL A 196 1.40 3.51 2.01
CA VAL A 196 2.13 3.06 3.20
C VAL A 196 3.59 2.83 2.82
N SER A 197 4.54 3.41 3.61
CA SER A 197 5.97 3.22 3.36
C SER A 197 6.67 2.49 4.52
N TYR A 198 7.00 3.21 5.62
CA TYR A 198 7.75 2.61 6.73
C TYR A 198 7.40 3.27 8.07
N GLY A 199 7.93 2.71 9.17
CA GLY A 199 7.80 3.23 10.52
C GLY A 199 8.86 2.63 11.45
N ARG A 200 8.55 2.53 12.75
CA ARG A 200 9.47 1.99 13.76
C ARG A 200 9.32 0.47 13.89
N SER A 201 10.42 -0.19 14.27
CA SER A 201 10.43 -1.63 14.53
C SER A 201 9.49 -2.02 15.68
N ASP A 202 9.22 -1.09 16.61
CA ASP A 202 8.34 -1.39 17.74
C ASP A 202 6.90 -0.97 17.48
N ALA A 203 6.62 -0.44 16.28
CA ALA A 203 5.28 -0.14 15.77
C ALA A 203 4.62 1.09 16.42
N LYS A 204 5.35 1.90 17.21
CA LYS A 204 4.76 3.10 17.79
C LYS A 204 4.52 4.15 16.69
N PRO A 205 3.29 4.67 16.59
CA PRO A 205 2.96 5.67 15.57
C PRO A 205 3.55 7.03 15.92
N PRO A 206 3.65 8.00 14.98
CA PRO A 206 3.17 7.86 13.60
C PRO A 206 4.09 7.07 12.66
N ALA A 207 3.56 6.76 11.45
CA ALA A 207 4.32 6.15 10.37
C ALA A 207 4.43 7.11 9.18
N VAL A 208 5.29 6.75 8.21
CA VAL A 208 5.61 7.57 7.05
C VAL A 208 4.93 6.99 5.81
N PHE A 209 4.22 7.85 5.06
CA PHE A 209 3.53 7.47 3.83
C PHE A 209 4.06 8.33 2.68
N THR A 210 4.04 7.78 1.45
CA THR A 210 4.40 8.51 0.24
C THR A 210 3.26 9.44 -0.14
N ARG A 211 3.58 10.70 -0.49
CA ARG A 211 2.59 11.71 -0.90
C ARG A 211 2.35 11.61 -2.42
N ILE A 212 1.15 11.15 -2.81
CA ILE A 212 0.85 10.78 -4.19
C ILE A 212 0.93 11.99 -5.13
N SER A 213 0.39 13.14 -4.71
CA SER A 213 0.32 14.33 -5.55
C SER A 213 1.66 14.66 -6.20
N HIS A 214 2.76 14.46 -5.47
CA HIS A 214 4.08 14.79 -5.96
C HIS A 214 4.46 13.95 -7.19
N TYR A 215 3.85 12.78 -7.37
CA TYR A 215 4.29 11.82 -8.38
C TYR A 215 3.34 11.74 -9.57
N ARG A 216 2.34 12.62 -9.64
CA ARG A 216 1.32 12.53 -10.68
C ARG A 216 1.94 12.65 -12.08
N PRO A 217 2.93 13.55 -12.31
CA PRO A 217 3.60 13.61 -13.62
C PRO A 217 4.30 12.31 -14.03
N TRP A 218 5.00 11.67 -13.09
CA TRP A 218 5.71 10.43 -13.37
C TRP A 218 4.73 9.31 -13.69
N ILE A 219 3.66 9.19 -12.91
CA ILE A 219 2.64 8.15 -13.12
C ILE A 219 2.03 8.30 -14.51
N ASN A 220 1.68 9.55 -14.89
CA ASN A 220 1.05 9.81 -16.18
C ASN A 220 2.00 9.42 -17.32
N GLN A 221 3.31 9.61 -17.13
CA GLN A 221 4.31 9.33 -18.14
C GLN A 221 4.41 7.82 -18.44
N ILE A 222 4.38 7.01 -17.38
CA ILE A 222 4.47 5.56 -17.52
C ILE A 222 3.22 5.05 -18.23
N LEU A 223 2.04 5.49 -17.78
CA LEU A 223 0.76 4.98 -18.27
C LEU A 223 0.58 5.29 -19.76
N GLN A 224 1.07 6.46 -20.19
CA GLN A 224 0.85 6.92 -21.56
C GLN A 224 1.70 6.15 -22.56
N ALA A 225 2.86 5.63 -22.12
CA ALA A 225 3.82 5.00 -23.01
C ALA A 225 3.80 3.46 -22.93
N ASN A 226 2.90 2.89 -22.13
CA ASN A 226 2.86 1.45 -21.92
C ASN A 226 1.40 0.97 -21.93
#